data_7HSY
#
_entry.id   7HSY
#
_cell.length_a   99.120
_cell.length_b   99.190
_cell.length_c   129.800
_cell.angle_alpha   90.00
_cell.angle_beta   90.00
_cell.angle_gamma   90.00
#
_symmetry.space_group_name_H-M   'I 2 2 2'
#
loop_
_entity.id
_entity.type
_entity.pdbx_description
1 polymer 'Oleoyl-acyl carrier protein thioesterase 1, chloroplastic'
2 non-polymer 1-[4-(4-chlorophenyl)piperazin-1-yl]ethan-1-one
3 non-polymer 'SULFATE ION'
4 water water
#
_entity_poly.entity_id   1
_entity_poly.type   'polypeptide(L)'
_entity_poly.pdbx_seq_one_letter_code
;MGSLTEDGLSYKEKFVVRSYEVGSNKTATVETIANLLQEVGCNHAQSVGFSTDGFATTTTMRKLHLIWVTARMHIEIYKY
PAWGDVVEIETWCQSEGRIGTRRDWILKDSVTGEVTGRATSKWVMMNQDTRRLQKVSDDVRDEYLVFCPQEPRLAFPEEN
NRSLKKIPKLEDPAQYSMIGLKPRRADLDMNQHVNNVTYIGWVLESIPQEIVDTHELQVITLDYRRECQQDDVVDSLTTT
TSEIGGTNGSATSGTQGHNDSQFLHLLRLSGDGQEINRGTTLWRKKPSSHHHHHH
;
_entity_poly.pdbx_strand_id   A,B
#
loop_
_chem_comp.id
_chem_comp.type
_chem_comp.name
_chem_comp.formula
SO4 non-polymer 'SULFATE ION' 'O4 S -2'
WNY non-polymer 1-[4-(4-chlorophenyl)piperazin-1-yl]ethan-1-one 'C12 H15 Cl N2 O'
#
# COMPACT_ATOMS: atom_id res chain seq x y z
N GLY A 2 15.97 10.43 -6.84
CA GLY A 2 16.91 9.34 -7.03
C GLY A 2 17.89 9.56 -8.17
N SER A 3 19.02 8.85 -8.13
CA SER A 3 20.02 8.99 -9.18
C SER A 3 21.02 7.86 -9.17
N LEU A 4 21.61 7.58 -10.33
CA LEU A 4 22.74 6.65 -10.46
C LEU A 4 23.93 7.30 -9.70
N THR A 5 24.79 6.50 -9.09
CA THR A 5 25.98 7.01 -8.39
C THR A 5 27.04 7.48 -9.43
N GLU A 6 28.14 8.08 -8.97
CA GLU A 6 29.21 8.60 -9.82
C GLU A 6 29.76 7.60 -10.83
N ASP A 7 30.03 6.35 -10.39
CA ASP A 7 30.57 5.36 -11.31
C ASP A 7 29.47 4.74 -12.26
N GLY A 8 28.19 5.09 -12.06
CA GLY A 8 27.06 4.60 -12.83
C GLY A 8 26.72 3.13 -12.65
N LEU A 9 27.35 2.46 -11.65
CA LEU A 9 27.17 1.03 -11.40
C LEU A 9 26.22 0.68 -10.23
N SER A 10 25.52 1.68 -9.70
CA SER A 10 24.54 1.51 -8.64
C SER A 10 23.61 2.74 -8.63
N TYR A 11 22.52 2.67 -7.88
CA TYR A 11 21.48 3.70 -7.86
C TYR A 11 21.05 3.99 -6.42
N LYS A 12 20.84 5.27 -6.09
CA LYS A 12 20.46 5.65 -4.74
C LYS A 12 19.19 6.48 -4.75
N GLU A 13 18.36 6.32 -3.73
CA GLU A 13 17.14 7.09 -3.61
C GLU A 13 16.76 7.27 -2.15
N LYS A 14 16.20 8.43 -1.81
CA LYS A 14 15.76 8.73 -0.44
C LYS A 14 14.23 8.70 -0.39
N PHE A 15 13.67 8.25 0.74
CA PHE A 15 12.22 8.15 0.96
C PHE A 15 11.86 8.64 2.35
N VAL A 16 10.77 9.42 2.48
CA VAL A 16 10.32 9.87 3.79
C VAL A 16 9.19 8.92 4.19
N VAL A 17 9.26 8.30 5.37
CA VAL A 17 8.25 7.33 5.80
C VAL A 17 6.86 8.00 6.02
N ARG A 18 5.83 7.48 5.35
CA ARG A 18 4.47 8.00 5.41
C ARG A 18 3.63 7.42 6.57
N SER A 19 2.58 8.15 6.99
CA SER A 19 1.71 7.79 8.11
C SER A 19 1.03 6.43 7.93
N TYR A 20 0.54 6.11 6.71
CA TYR A 20 -0.09 4.81 6.45
C TYR A 20 0.95 3.68 6.22
N GLU A 21 2.24 3.98 6.25
CA GLU A 21 3.32 3.02 6.01
C GLU A 21 3.84 2.35 7.29
N VAL A 22 3.41 2.83 8.48
CA VAL A 22 3.91 2.33 9.76
C VAL A 22 2.97 1.37 10.50
N GLY A 23 3.54 0.52 11.36
CA GLY A 23 2.79 -0.42 12.17
C GLY A 23 2.51 0.10 13.57
N SER A 24 2.23 -0.80 14.53
N SER A 24 2.23 -0.80 14.51
N SER A 24 2.23 -0.80 14.53
CA SER A 24 1.93 -0.45 15.91
CA SER A 24 1.93 -0.45 15.91
CA SER A 24 1.93 -0.45 15.91
C SER A 24 3.07 0.25 16.65
C SER A 24 3.07 0.23 16.65
C SER A 24 3.07 0.25 16.65
N ASN A 25 4.31 0.07 16.18
CA ASN A 25 5.48 0.69 16.77
C ASN A 25 5.75 2.11 16.21
N LYS A 26 4.88 2.62 15.32
CA LYS A 26 5.10 3.92 14.64
C LYS A 26 6.34 3.89 13.73
N THR A 27 6.79 2.70 13.32
CA THR A 27 7.91 2.53 12.42
C THR A 27 7.43 1.74 11.18
N ALA A 28 8.11 1.90 10.04
CA ALA A 28 7.74 1.23 8.79
C ALA A 28 7.61 -0.28 8.94
N THR A 29 6.61 -0.90 8.28
CA THR A 29 6.47 -2.36 8.33
C THR A 29 7.50 -2.99 7.37
N VAL A 30 7.68 -4.34 7.42
CA VAL A 30 8.57 -5.01 6.48
C VAL A 30 7.99 -4.97 5.04
N GLU A 31 6.66 -4.86 4.90
CA GLU A 31 5.99 -4.74 3.61
C GLU A 31 6.24 -3.36 3.02
N THR A 32 6.31 -2.31 3.86
CA THR A 32 6.64 -0.97 3.37
C THR A 32 8.09 -0.99 2.88
N ILE A 33 9.01 -1.59 3.68
CA ILE A 33 10.40 -1.75 3.26
C ILE A 33 10.51 -2.48 1.91
N ALA A 34 9.82 -3.64 1.79
CA ALA A 34 9.83 -4.44 0.56
C ALA A 34 9.30 -3.64 -0.65
N ASN A 35 8.25 -2.81 -0.44
CA ASN A 35 7.70 -1.96 -1.50
C ASN A 35 8.76 -0.94 -1.93
N LEU A 36 9.50 -0.36 -0.96
CA LEU A 36 10.56 0.60 -1.25
C LEU A 36 11.72 -0.06 -2.02
N LEU A 37 12.12 -1.30 -1.66
CA LEU A 37 13.19 -2.02 -2.40
C LEU A 37 12.77 -2.20 -3.85
N GLN A 38 11.51 -2.57 -4.08
CA GLN A 38 10.96 -2.79 -5.41
C GLN A 38 10.95 -1.47 -6.19
N GLU A 39 10.53 -0.37 -5.54
CA GLU A 39 10.48 0.97 -6.12
C GLU A 39 11.87 1.44 -6.58
N VAL A 40 12.90 1.29 -5.73
CA VAL A 40 14.24 1.72 -6.11
C VAL A 40 14.80 0.81 -7.24
N GLY A 41 14.42 -0.47 -7.27
CA GLY A 41 14.85 -1.37 -8.36
C GLY A 41 14.22 -0.93 -9.69
N CYS A 42 12.95 -0.48 -9.64
N CYS A 42 12.97 -0.48 -9.64
N CYS A 42 12.95 -0.48 -9.64
CA CYS A 42 12.22 0.02 -10.80
CA CYS A 42 12.25 0.00 -10.81
CA CYS A 42 12.22 0.02 -10.80
C CYS A 42 12.85 1.31 -11.32
C CYS A 42 12.85 1.32 -11.32
C CYS A 42 12.85 1.31 -11.32
N ASN A 43 13.27 2.20 -10.41
CA ASN A 43 13.88 3.47 -10.81
C ASN A 43 15.28 3.29 -11.37
N HIS A 44 16.01 2.26 -10.90
CA HIS A 44 17.32 1.93 -11.42
C HIS A 44 17.15 1.46 -12.90
N ALA A 45 16.18 0.56 -13.17
CA ALA A 45 15.86 0.08 -14.53
C ALA A 45 15.47 1.25 -15.46
N GLN A 46 14.63 2.18 -14.96
CA GLN A 46 14.21 3.32 -15.77
C GLN A 46 15.37 4.22 -16.13
N SER A 47 16.30 4.40 -15.19
N SER A 47 16.31 4.40 -15.18
N SER A 47 16.30 4.40 -15.19
CA SER A 47 17.46 5.25 -15.36
CA SER A 47 17.47 5.28 -15.37
CA SER A 47 17.46 5.25 -15.36
C SER A 47 18.40 4.82 -16.49
C SER A 47 18.40 4.82 -16.49
C SER A 47 18.40 4.82 -16.49
N VAL A 48 18.40 3.53 -16.84
CA VAL A 48 19.29 3.02 -17.91
C VAL A 48 18.56 2.34 -19.10
N GLY A 49 17.25 2.59 -19.22
CA GLY A 49 16.50 2.15 -20.40
C GLY A 49 15.83 0.79 -20.40
N PHE A 50 15.81 0.09 -19.26
CA PHE A 50 15.15 -1.21 -19.19
C PHE A 50 13.65 -1.05 -18.90
N SER A 51 12.84 -2.14 -19.06
CA SER A 51 11.40 -2.02 -18.79
C SER A 51 11.13 -1.63 -17.34
N THR A 52 9.99 -0.98 -17.10
CA THR A 52 9.63 -0.51 -15.76
C THR A 52 8.38 -1.18 -15.21
N ASP A 53 8.16 -2.44 -15.59
CA ASP A 53 7.01 -3.24 -15.17
C ASP A 53 7.35 -4.25 -14.07
N GLY A 54 8.59 -4.23 -13.57
CA GLY A 54 9.06 -5.17 -12.57
C GLY A 54 9.91 -6.29 -13.16
N PHE A 55 9.85 -6.48 -14.49
CA PHE A 55 10.62 -7.54 -15.15
C PHE A 55 11.98 -7.07 -15.74
N ALA A 56 12.25 -5.74 -15.75
CA ALA A 56 13.48 -5.12 -16.25
C ALA A 56 14.07 -5.80 -17.51
N THR A 57 13.22 -5.96 -18.54
CA THR A 57 13.56 -6.59 -19.81
C THR A 57 14.18 -5.60 -20.83
N THR A 58 14.77 -6.16 -21.91
CA THR A 58 15.28 -5.46 -23.09
C THR A 58 14.30 -5.69 -24.26
N THR A 59 14.45 -4.95 -25.37
CA THR A 59 13.64 -5.13 -26.58
C THR A 59 13.76 -6.59 -27.09
N THR A 60 14.98 -7.16 -27.03
CA THR A 60 15.25 -8.54 -27.47
C THR A 60 14.45 -9.55 -26.65
N MET A 61 14.41 -9.36 -25.32
N MET A 61 14.42 -9.36 -25.31
N MET A 61 14.41 -9.36 -25.32
CA MET A 61 13.66 -10.25 -24.43
CA MET A 61 13.67 -10.23 -24.40
CA MET A 61 13.66 -10.25 -24.43
C MET A 61 12.17 -10.10 -24.66
C MET A 61 12.17 -10.10 -24.67
C MET A 61 12.17 -10.10 -24.66
N ARG A 62 11.69 -8.88 -24.91
CA ARG A 62 10.29 -8.60 -25.14
C ARG A 62 9.74 -9.28 -26.42
N LYS A 63 10.55 -9.34 -27.50
CA LYS A 63 10.09 -10.03 -28.71
C LYS A 63 10.13 -11.58 -28.55
N LEU A 64 10.94 -12.09 -27.60
CA LEU A 64 10.98 -13.53 -27.32
C LEU A 64 10.06 -13.94 -26.14
N HIS A 65 9.29 -12.97 -25.57
CA HIS A 65 8.39 -13.16 -24.44
C HIS A 65 9.14 -13.70 -23.21
N LEU A 66 10.37 -13.18 -22.98
CA LEU A 66 11.18 -13.57 -21.83
C LEU A 66 11.14 -12.48 -20.74
N ILE A 67 11.17 -12.92 -19.46
CA ILE A 67 11.13 -12.03 -18.29
C ILE A 67 12.10 -12.48 -17.20
N TRP A 68 12.47 -11.58 -16.27
CA TRP A 68 13.26 -11.93 -15.11
C TRP A 68 12.27 -12.11 -13.96
N VAL A 69 12.35 -13.21 -13.23
CA VAL A 69 11.44 -13.49 -12.12
C VAL A 69 12.21 -13.75 -10.80
N THR A 70 11.68 -13.27 -9.67
CA THR A 70 12.32 -13.47 -8.36
C THR A 70 12.16 -14.92 -7.91
N ALA A 71 13.27 -15.57 -7.58
CA ALA A 71 13.30 -16.94 -7.07
C ALA A 71 13.41 -16.92 -5.53
N ARG A 72 14.14 -15.94 -4.97
CA ARG A 72 14.30 -15.78 -3.51
C ARG A 72 14.50 -14.33 -3.17
N MET A 73 13.94 -13.90 -2.02
CA MET A 73 14.11 -12.56 -1.43
C MET A 73 14.57 -12.80 0.02
N HIS A 74 15.64 -12.12 0.44
CA HIS A 74 16.17 -12.25 1.80
C HIS A 74 16.37 -10.84 2.33
N ILE A 75 15.69 -10.49 3.43
CA ILE A 75 15.80 -9.14 4.00
C ILE A 75 16.23 -9.24 5.46
N GLU A 76 17.18 -8.38 5.87
CA GLU A 76 17.57 -8.31 7.27
C GLU A 76 17.48 -6.84 7.72
N ILE A 77 16.68 -6.56 8.76
CA ILE A 77 16.49 -5.19 9.26
C ILE A 77 17.02 -5.08 10.67
N TYR A 78 17.89 -4.09 10.91
CA TYR A 78 18.46 -3.81 12.22
C TYR A 78 17.63 -2.74 12.94
N LYS A 79 17.17 -1.72 12.20
CA LYS A 79 16.34 -0.66 12.76
C LYS A 79 15.32 -0.28 11.73
N TYR A 80 14.04 -0.36 12.08
CA TYR A 80 12.97 0.04 11.18
C TYR A 80 12.85 1.57 11.25
N PRO A 81 12.81 2.28 10.12
CA PRO A 81 12.71 3.75 10.19
C PRO A 81 11.37 4.20 10.77
N ALA A 82 11.39 5.25 11.57
CA ALA A 82 10.17 5.79 12.17
C ALA A 82 9.41 6.69 11.17
N TRP A 83 8.12 6.94 11.43
CA TRP A 83 7.29 7.85 10.64
C TRP A 83 7.96 9.23 10.55
N GLY A 84 8.13 9.75 9.34
CA GLY A 84 8.79 11.03 9.14
C GLY A 84 10.29 10.96 8.94
N ASP A 85 10.92 9.79 9.22
CA ASP A 85 12.36 9.63 9.02
C ASP A 85 12.66 9.52 7.52
N VAL A 86 13.89 9.87 7.13
CA VAL A 86 14.32 9.73 5.74
C VAL A 86 15.26 8.53 5.65
N VAL A 87 14.92 7.55 4.82
CA VAL A 87 15.75 6.38 4.64
C VAL A 87 16.39 6.43 3.25
N GLU A 88 17.70 6.20 3.17
CA GLU A 88 18.38 6.19 1.88
C GLU A 88 18.66 4.74 1.48
N ILE A 89 18.32 4.38 0.24
CA ILE A 89 18.50 3.01 -0.24
C ILE A 89 19.40 2.95 -1.47
N GLU A 90 20.45 2.14 -1.39
CA GLU A 90 21.35 1.96 -2.52
C GLU A 90 21.17 0.55 -3.07
N THR A 91 21.04 0.42 -4.41
CA THR A 91 20.82 -0.85 -5.06
C THR A 91 21.75 -1.07 -6.27
N TRP A 92 22.12 -2.32 -6.49
CA TRP A 92 22.95 -2.69 -7.61
C TRP A 92 22.60 -4.11 -8.03
N CYS A 93 23.04 -4.51 -9.21
CA CYS A 93 22.81 -5.87 -9.66
C CYS A 93 24.05 -6.51 -10.20
N GLN A 94 24.11 -7.84 -10.18
CA GLN A 94 25.26 -8.59 -10.63
C GLN A 94 24.82 -9.89 -11.26
N SER A 95 25.59 -10.36 -12.22
CA SER A 95 25.33 -11.64 -12.84
C SER A 95 25.99 -12.74 -12.01
N GLU A 96 25.33 -13.88 -11.86
CA GLU A 96 25.87 -15.07 -11.20
C GLU A 96 25.95 -16.25 -12.19
N GLY A 97 26.26 -15.93 -13.46
CA GLY A 97 26.38 -16.91 -14.53
C GLY A 97 25.23 -17.88 -14.64
N ARG A 98 25.54 -19.16 -14.49
CA ARG A 98 24.64 -20.28 -14.62
C ARG A 98 23.55 -20.38 -13.52
N ILE A 99 23.79 -19.76 -12.35
CA ILE A 99 22.80 -19.79 -11.26
C ILE A 99 21.63 -18.81 -11.50
N GLY A 100 21.89 -17.74 -12.24
CA GLY A 100 20.93 -16.70 -12.51
C GLY A 100 21.55 -15.34 -12.19
N THR A 101 20.74 -14.38 -11.75
CA THR A 101 21.26 -13.03 -11.44
C THR A 101 20.89 -12.60 -10.01
N ARG A 102 21.44 -11.46 -9.55
CA ARG A 102 21.20 -11.01 -8.20
C ARG A 102 21.00 -9.49 -8.12
N ARG A 103 20.10 -9.03 -7.24
CA ARG A 103 19.94 -7.61 -6.99
C ARG A 103 20.14 -7.45 -5.49
N ASP A 104 20.99 -6.50 -5.07
CA ASP A 104 21.25 -6.26 -3.66
C ASP A 104 20.82 -4.87 -3.25
N TRP A 105 20.58 -4.65 -1.96
CA TRP A 105 20.20 -3.34 -1.44
C TRP A 105 20.82 -3.11 -0.05
N ILE A 106 21.15 -1.85 0.25
CA ILE A 106 21.64 -1.40 1.56
C ILE A 106 20.72 -0.26 1.98
N LEU A 107 20.17 -0.34 3.19
CA LEU A 107 19.31 0.72 3.70
C LEU A 107 20.10 1.45 4.78
N LYS A 108 20.04 2.79 4.74
CA LYS A 108 20.74 3.63 5.71
C LYS A 108 19.84 4.70 6.26
N ASP A 109 20.12 5.14 7.49
CA ASP A 109 19.45 6.27 8.12
C ASP A 109 20.14 7.50 7.46
N SER A 110 19.36 8.40 6.85
CA SER A 110 19.92 9.56 6.16
C SER A 110 20.66 10.51 7.08
N VAL A 111 20.18 10.65 8.31
CA VAL A 111 20.77 11.57 9.27
C VAL A 111 22.11 11.08 9.79
N THR A 112 22.19 9.82 10.23
CA THR A 112 23.41 9.28 10.83
C THR A 112 24.37 8.61 9.85
N GLY A 113 23.85 8.12 8.74
CA GLY A 113 24.64 7.38 7.76
C GLY A 113 24.86 5.92 8.12
N GLU A 114 24.24 5.43 9.23
CA GLU A 114 24.43 4.04 9.65
C GLU A 114 23.58 3.09 8.83
N VAL A 115 24.09 1.88 8.60
CA VAL A 115 23.35 0.84 7.89
C VAL A 115 22.26 0.31 8.80
N THR A 116 21.00 0.53 8.42
CA THR A 116 19.84 0.05 9.20
C THR A 116 19.24 -1.25 8.68
N GLY A 117 19.62 -1.68 7.48
CA GLY A 117 19.11 -2.90 6.89
C GLY A 117 19.82 -3.29 5.60
N ARG A 118 19.61 -4.53 5.16
CA ARG A 118 20.21 -5.01 3.91
C ARG A 118 19.34 -6.10 3.29
N ALA A 119 19.37 -6.21 1.96
CA ALA A 119 18.56 -7.22 1.29
C ALA A 119 19.24 -7.76 0.05
N THR A 120 18.90 -8.98 -0.32
CA THR A 120 19.40 -9.60 -1.52
C THR A 120 18.26 -10.41 -2.16
N SER A 121 18.31 -10.54 -3.47
CA SER A 121 17.31 -11.30 -4.20
C SER A 121 17.97 -12.00 -5.38
N LYS A 122 17.55 -13.25 -5.63
CA LYS A 122 18.05 -14.11 -6.70
C LYS A 122 16.95 -14.14 -7.78
N TRP A 123 17.34 -14.00 -9.03
CA TRP A 123 16.42 -13.96 -10.16
C TRP A 123 16.79 -15.01 -11.20
N VAL A 124 15.78 -15.48 -11.94
CA VAL A 124 15.95 -16.44 -13.01
C VAL A 124 15.22 -15.91 -14.26
N MET A 125 15.68 -16.32 -15.45
CA MET A 125 15.04 -15.92 -16.69
C MET A 125 14.01 -17.00 -17.07
N MET A 126 12.83 -16.57 -17.49
CA MET A 126 11.75 -17.50 -17.79
C MET A 126 10.92 -17.01 -18.98
N ASN A 127 10.28 -17.94 -19.73
CA ASN A 127 9.36 -17.55 -20.77
C ASN A 127 8.06 -17.24 -20.03
N GLN A 128 7.53 -16.06 -20.26
CA GLN A 128 6.31 -15.52 -19.66
C GLN A 128 5.05 -16.41 -19.83
N ASP A 129 4.91 -17.05 -21.00
CA ASP A 129 3.73 -17.85 -21.33
C ASP A 129 3.83 -19.29 -20.85
N THR A 130 4.96 -19.96 -21.13
CA THR A 130 5.12 -21.35 -20.74
C THR A 130 5.59 -21.56 -19.31
N ARG A 131 6.16 -20.51 -18.70
CA ARG A 131 6.75 -20.51 -17.36
C ARG A 131 8.00 -21.41 -17.27
N ARG A 132 8.60 -21.76 -18.42
CA ARG A 132 9.80 -22.56 -18.48
C ARG A 132 11.02 -21.68 -18.32
N LEU A 133 11.91 -22.09 -17.42
CA LEU A 133 13.15 -21.35 -17.19
C LEU A 133 14.06 -21.55 -18.39
N GLN A 134 14.87 -20.53 -18.74
CA GLN A 134 15.84 -20.73 -19.81
C GLN A 134 17.10 -19.92 -19.60
N LYS A 135 18.21 -20.47 -20.09
CA LYS A 135 19.50 -19.84 -19.91
C LYS A 135 19.63 -18.61 -20.79
N VAL A 136 20.19 -17.58 -20.20
CA VAL A 136 20.37 -16.27 -20.80
C VAL A 136 21.40 -16.37 -21.90
N SER A 137 21.07 -15.86 -23.10
CA SER A 137 22.02 -15.86 -24.19
C SER A 137 23.10 -14.79 -23.98
N ASP A 138 24.28 -14.98 -24.59
CA ASP A 138 25.39 -14.05 -24.49
C ASP A 138 25.00 -12.66 -25.01
N ASP A 139 24.20 -12.59 -26.08
CA ASP A 139 23.77 -11.30 -26.63
C ASP A 139 22.81 -10.54 -25.67
N VAL A 140 21.97 -11.26 -24.92
CA VAL A 140 21.10 -10.62 -23.92
C VAL A 140 21.95 -10.20 -22.69
N ARG A 141 22.77 -11.12 -22.18
CA ARG A 141 23.65 -10.89 -21.02
C ARG A 141 24.54 -9.65 -21.21
N ASP A 142 25.16 -9.51 -22.39
CA ASP A 142 26.05 -8.40 -22.75
C ASP A 142 25.39 -7.04 -22.61
N GLU A 143 24.07 -6.93 -22.82
CA GLU A 143 23.37 -5.66 -22.66
C GLU A 143 23.26 -5.23 -21.18
N TYR A 144 23.27 -6.19 -20.25
CA TYR A 144 23.16 -5.90 -18.82
C TYR A 144 24.49 -5.68 -18.09
N LEU A 145 25.55 -6.44 -18.47
CA LEU A 145 26.86 -6.38 -17.80
C LEU A 145 27.49 -4.98 -17.72
N VAL A 146 27.24 -4.12 -18.72
CA VAL A 146 27.74 -2.74 -18.72
C VAL A 146 27.12 -1.85 -17.61
N PHE A 147 26.07 -2.34 -16.92
CA PHE A 147 25.43 -1.62 -15.80
C PHE A 147 25.70 -2.26 -14.42
N CYS A 148 26.49 -3.34 -14.38
CA CYS A 148 26.79 -4.08 -13.18
C CYS A 148 28.24 -3.92 -12.82
N PRO A 149 28.57 -3.91 -11.53
CA PRO A 149 29.99 -4.04 -11.14
C PRO A 149 30.43 -5.48 -11.48
N GLN A 150 31.67 -5.66 -11.94
CA GLN A 150 32.12 -7.02 -12.30
C GLN A 150 32.98 -7.66 -11.20
N GLU A 151 33.52 -6.85 -10.29
CA GLU A 151 34.19 -7.34 -9.09
C GLU A 151 33.04 -7.64 -8.15
N PRO A 152 33.08 -8.75 -7.41
CA PRO A 152 31.95 -9.08 -6.51
C PRO A 152 31.66 -8.00 -5.48
N ARG A 153 30.40 -7.58 -5.40
CA ARG A 153 29.93 -6.57 -4.46
C ARG A 153 28.68 -7.19 -3.83
N LEU A 154 28.83 -7.67 -2.59
CA LEU A 154 27.76 -8.40 -1.92
C LEU A 154 27.19 -7.66 -0.74
N ALA A 155 25.86 -7.58 -0.65
CA ALA A 155 25.25 -7.04 0.57
C ALA A 155 25.44 -8.03 1.74
N PHE A 156 25.60 -9.34 1.46
CA PHE A 156 25.82 -10.40 2.45
C PHE A 156 27.08 -11.19 2.10
N PRO A 157 28.26 -10.69 2.49
CA PRO A 157 29.51 -11.38 2.13
C PRO A 157 29.92 -12.59 2.99
N GLU A 158 29.47 -12.68 4.25
CA GLU A 158 29.82 -13.76 5.22
C GLU A 158 29.89 -15.20 4.64
N GLU A 159 30.79 -16.05 5.20
CA GLU A 159 31.10 -17.43 4.78
C GLU A 159 29.89 -18.35 4.45
N ASN A 160 28.98 -18.55 5.42
CA ASN A 160 27.78 -19.36 5.21
C ASN A 160 26.64 -18.55 5.80
N ASN A 161 26.35 -17.41 5.18
CA ASN A 161 25.33 -16.48 5.68
C ASN A 161 23.90 -16.97 5.49
N ARG A 162 22.98 -16.43 6.28
CA ARG A 162 21.54 -16.74 6.25
C ARG A 162 20.88 -16.67 4.86
N SER A 163 21.35 -15.77 3.97
CA SER A 163 20.72 -15.60 2.65
C SER A 163 20.82 -16.79 1.72
N LEU A 164 21.76 -17.71 1.98
CA LEU A 164 21.96 -18.86 1.11
C LEU A 164 21.51 -20.21 1.70
N LYS A 165 20.93 -20.21 2.91
CA LYS A 165 20.51 -21.45 3.55
C LYS A 165 19.29 -22.09 2.85
N LYS A 166 19.33 -23.42 2.67
CA LYS A 166 18.24 -24.21 2.07
C LYS A 166 17.03 -24.19 3.03
N ILE A 167 15.80 -24.02 2.52
CA ILE A 167 14.59 -24.00 3.35
C ILE A 167 13.78 -25.30 3.21
N PRO A 168 13.52 -25.99 4.33
CA PRO A 168 12.73 -27.25 4.24
C PRO A 168 11.22 -27.02 4.07
N LYS A 169 10.48 -28.10 3.75
CA LYS A 169 9.04 -28.00 3.56
C LYS A 169 8.34 -28.31 4.87
N LEU A 170 7.45 -27.41 5.34
CA LEU A 170 6.69 -27.56 6.57
C LEU A 170 5.83 -28.83 6.48
N GLU A 171 5.83 -29.63 7.54
CA GLU A 171 5.04 -30.88 7.54
C GLU A 171 3.78 -30.69 8.38
N ASP A 172 2.65 -31.24 7.91
CA ASP A 172 1.40 -31.13 8.62
C ASP A 172 1.41 -32.03 9.87
N PRO A 173 0.74 -31.63 10.95
CA PRO A 173 -0.04 -30.38 11.10
C PRO A 173 0.85 -29.16 11.38
N ALA A 174 0.45 -27.98 10.88
CA ALA A 174 1.17 -26.75 11.17
C ALA A 174 0.81 -26.30 12.57
N GLN A 175 1.70 -25.57 13.25
CA GLN A 175 1.37 -25.12 14.60
C GLN A 175 0.31 -24.02 14.55
N TYR A 176 0.43 -23.13 13.56
CA TYR A 176 -0.51 -22.01 13.37
C TYR A 176 -0.95 -21.92 11.89
N SER A 177 -2.12 -21.33 11.62
CA SER A 177 -2.57 -21.17 10.25
C SER A 177 -3.56 -20.04 10.08
N MET A 178 -3.57 -19.44 8.90
CA MET A 178 -4.52 -18.42 8.49
C MET A 178 -4.97 -18.89 7.09
N ILE A 179 -6.24 -19.23 6.93
CA ILE A 179 -6.80 -19.86 5.72
C ILE A 179 -7.69 -18.91 4.93
N GLY A 180 -7.89 -19.23 3.66
CA GLY A 180 -8.80 -18.47 2.82
C GLY A 180 -8.34 -17.08 2.43
N LEU A 181 -7.03 -16.84 2.38
CA LEU A 181 -6.49 -15.53 1.99
C LEU A 181 -6.62 -15.34 0.49
N LYS A 182 -7.16 -14.20 0.03
CA LYS A 182 -7.37 -13.94 -1.40
C LYS A 182 -6.86 -12.53 -1.72
N PRO A 183 -6.22 -12.37 -2.88
CA PRO A 183 -5.76 -11.03 -3.27
C PRO A 183 -6.91 -10.15 -3.76
N ARG A 184 -6.83 -8.86 -3.47
CA ARG A 184 -7.79 -7.90 -4.00
C ARG A 184 -7.06 -7.05 -5.08
N ARG A 185 -7.78 -6.19 -5.82
CA ARG A 185 -7.10 -5.39 -6.88
C ARG A 185 -5.87 -4.59 -6.40
N ALA A 186 -5.85 -4.08 -5.14
CA ALA A 186 -4.68 -3.36 -4.64
C ALA A 186 -3.45 -4.27 -4.51
N ASP A 187 -3.64 -5.57 -4.41
CA ASP A 187 -2.53 -6.53 -4.34
C ASP A 187 -1.90 -6.82 -5.71
N LEU A 188 -2.49 -6.32 -6.80
CA LEU A 188 -1.98 -6.59 -8.14
C LEU A 188 -1.13 -5.45 -8.67
N ASP A 189 -0.15 -5.77 -9.51
CA ASP A 189 0.69 -4.79 -10.20
C ASP A 189 -0.04 -4.30 -11.49
N MET A 190 0.63 -3.47 -12.31
CA MET A 190 0.06 -2.94 -13.55
C MET A 190 -0.32 -4.04 -14.59
N ASN A 191 0.31 -5.22 -14.53
CA ASN A 191 -0.03 -6.31 -15.47
C ASN A 191 -0.95 -7.36 -14.86
N GLN A 192 -1.64 -7.03 -13.74
CA GLN A 192 -2.62 -7.87 -13.06
C GLN A 192 -2.02 -9.13 -12.40
N HIS A 193 -0.72 -9.11 -12.10
CA HIS A 193 -0.07 -10.19 -11.39
C HIS A 193 -0.03 -9.83 -9.88
N VAL A 194 -0.14 -10.82 -8.98
CA VAL A 194 -0.03 -10.56 -7.55
C VAL A 194 1.40 -10.04 -7.24
N ASN A 195 1.50 -8.89 -6.59
CA ASN A 195 2.77 -8.27 -6.27
C ASN A 195 3.54 -9.17 -5.29
N ASN A 196 4.88 -9.28 -5.45
CA ASN A 196 5.70 -10.11 -4.54
C ASN A 196 5.55 -9.75 -3.06
N VAL A 197 5.27 -8.48 -2.77
CA VAL A 197 5.12 -8.00 -1.40
C VAL A 197 3.89 -8.61 -0.70
N THR A 198 2.83 -8.91 -1.45
CA THR A 198 1.61 -9.52 -0.89
C THR A 198 1.94 -10.87 -0.26
N TYR A 199 2.82 -11.67 -0.91
CA TYR A 199 3.20 -12.99 -0.37
C TYR A 199 3.91 -12.84 0.98
N ILE A 200 4.68 -11.75 1.17
CA ILE A 200 5.32 -11.45 2.46
C ILE A 200 4.23 -11.24 3.52
N GLY A 201 3.20 -10.47 3.18
CA GLY A 201 2.10 -10.20 4.08
C GLY A 201 1.32 -11.46 4.43
N TRP A 202 1.11 -12.33 3.46
CA TRP A 202 0.40 -13.60 3.66
C TRP A 202 1.19 -14.53 4.57
N VAL A 203 2.52 -14.61 4.39
CA VAL A 203 3.38 -15.43 5.27
C VAL A 203 3.23 -15.02 6.74
N LEU A 204 3.33 -13.70 6.99
CA LEU A 204 3.25 -13.11 8.33
C LEU A 204 1.85 -13.22 8.99
N GLU A 205 0.77 -13.41 8.21
CA GLU A 205 -0.58 -13.54 8.75
C GLU A 205 -0.75 -14.72 9.69
N SER A 206 0.06 -15.77 9.52
CA SER A 206 -0.06 -16.94 10.40
C SER A 206 0.88 -16.88 11.62
N ILE A 207 1.55 -15.73 11.85
CA ILE A 207 2.38 -15.52 13.03
C ILE A 207 1.39 -15.07 14.12
N PRO A 208 1.44 -15.66 15.33
CA PRO A 208 0.51 -15.21 16.39
C PRO A 208 0.72 -13.73 16.74
N GLN A 209 -0.36 -13.00 17.01
CA GLN A 209 -0.28 -11.58 17.32
C GLN A 209 0.58 -11.31 18.55
N GLU A 210 0.63 -12.25 19.51
CA GLU A 210 1.46 -12.09 20.71
C GLU A 210 2.93 -11.97 20.35
N ILE A 211 3.39 -12.72 19.33
CA ILE A 211 4.78 -12.63 18.86
C ILE A 211 5.01 -11.25 18.26
N VAL A 212 4.09 -10.80 17.38
CA VAL A 212 4.21 -9.49 16.72
C VAL A 212 4.27 -8.36 17.75
N ASP A 213 3.46 -8.46 18.81
CA ASP A 213 3.35 -7.47 19.88
C ASP A 213 4.58 -7.40 20.79
N THR A 214 5.30 -8.50 20.94
CA THR A 214 6.45 -8.56 21.86
C THR A 214 7.80 -8.74 21.19
N HIS A 215 7.84 -8.88 19.86
CA HIS A 215 9.07 -9.08 19.11
C HIS A 215 9.15 -8.15 17.90
N GLU A 216 10.35 -7.99 17.36
CA GLU A 216 10.56 -7.28 16.11
C GLU A 216 11.08 -8.29 15.09
N LEU A 217 10.61 -8.20 13.84
CA LEU A 217 11.08 -9.07 12.78
C LEU A 217 12.49 -8.62 12.41
N GLN A 218 13.47 -9.53 12.53
CA GLN A 218 14.85 -9.22 12.20
C GLN A 218 15.23 -9.75 10.81
N VAL A 219 14.86 -10.99 10.49
CA VAL A 219 15.22 -11.57 9.18
C VAL A 219 14.02 -12.29 8.56
N ILE A 220 13.86 -12.17 7.23
CA ILE A 220 12.86 -12.92 6.50
C ILE A 220 13.51 -13.45 5.21
N THR A 221 13.37 -14.73 4.92
CA THR A 221 13.86 -15.35 3.69
C THR A 221 12.63 -16.01 3.05
N LEU A 222 12.40 -15.78 1.78
CA LEU A 222 11.22 -16.31 1.11
C LEU A 222 11.60 -16.84 -0.24
N ASP A 223 11.25 -18.09 -0.51
CA ASP A 223 11.45 -18.74 -1.80
C ASP A 223 10.14 -18.67 -2.57
N TYR A 224 10.19 -18.32 -3.84
CA TYR A 224 9.02 -18.22 -4.68
C TYR A 224 9.04 -19.41 -5.64
N ARG A 225 8.06 -20.30 -5.49
CA ARG A 225 7.99 -21.52 -6.32
C ARG A 225 6.99 -21.39 -7.46
N ARG A 226 5.87 -20.74 -7.19
CA ARG A 226 4.78 -20.64 -8.14
C ARG A 226 3.98 -19.38 -7.85
N GLU A 227 3.42 -18.81 -8.88
CA GLU A 227 2.60 -17.62 -8.84
C GLU A 227 1.20 -17.91 -8.33
N CYS A 228 0.66 -17.03 -7.49
CA CYS A 228 -0.73 -17.15 -7.06
C CYS A 228 -1.49 -16.29 -8.09
N GLN A 229 -2.49 -16.86 -8.75
CA GLN A 229 -3.27 -16.11 -9.73
C GLN A 229 -4.33 -15.24 -9.03
N GLN A 230 -4.88 -14.27 -9.77
CA GLN A 230 -5.89 -13.32 -9.32
C GLN A 230 -7.09 -13.98 -8.59
N ASP A 231 -7.53 -15.14 -9.09
CA ASP A 231 -8.68 -15.88 -8.54
C ASP A 231 -8.29 -17.06 -7.64
N ASP A 232 -7.02 -17.14 -7.20
CA ASP A 232 -6.61 -18.24 -6.32
C ASP A 232 -6.87 -17.88 -4.85
N VAL A 233 -6.99 -18.90 -4.00
CA VAL A 233 -7.17 -18.75 -2.55
C VAL A 233 -6.00 -19.46 -1.88
N VAL A 234 -5.38 -18.82 -0.89
CA VAL A 234 -4.18 -19.31 -0.24
C VAL A 234 -4.33 -19.61 1.26
N ASP A 235 -3.62 -20.64 1.73
CA ASP A 235 -3.50 -20.99 3.13
C ASP A 235 -2.06 -20.67 3.54
N SER A 236 -1.89 -19.99 4.67
CA SER A 236 -0.61 -19.60 5.23
C SER A 236 -0.34 -20.42 6.49
N LEU A 237 0.74 -21.21 6.49
CA LEU A 237 1.09 -22.12 7.59
C LEU A 237 2.42 -21.73 8.25
N THR A 238 2.50 -21.84 9.59
CA THR A 238 3.68 -21.47 10.37
C THR A 238 3.90 -22.48 11.53
N THR A 239 5.16 -22.89 11.75
CA THR A 239 5.53 -23.73 12.88
C THR A 239 6.80 -23.14 13.49
N THR A 240 6.85 -23.00 14.82
CA THR A 240 8.04 -22.50 15.50
C THR A 240 9.16 -23.53 15.38
N THR A 241 10.36 -23.11 15.02
CA THR A 241 11.51 -24.01 14.92
C THR A 241 12.53 -23.79 16.03
N SER A 242 12.42 -22.69 16.81
CA SER A 242 13.33 -22.43 17.92
C SER A 242 12.80 -23.09 19.20
N ASN A 259 16.13 -15.87 23.76
CA ASN A 259 15.81 -14.48 23.41
C ASN A 259 15.25 -14.31 21.99
N ASP A 260 15.44 -15.33 21.12
CA ASP A 260 14.99 -15.22 19.74
C ASP A 260 13.93 -16.27 19.40
N SER A 261 13.07 -15.94 18.44
CA SER A 261 12.05 -16.86 17.96
C SER A 261 12.26 -17.06 16.44
N GLN A 262 12.21 -18.30 15.98
CA GLN A 262 12.35 -18.64 14.57
C GLN A 262 11.13 -19.46 14.14
N PHE A 263 10.69 -19.27 12.90
CA PHE A 263 9.52 -19.96 12.36
C PHE A 263 9.80 -20.49 10.97
N LEU A 264 9.16 -21.57 10.62
CA LEU A 264 9.19 -22.16 9.28
C LEU A 264 7.81 -21.85 8.69
N HIS A 265 7.77 -21.41 7.43
CA HIS A 265 6.53 -20.98 6.80
C HIS A 265 6.27 -21.69 5.48
N LEU A 266 4.99 -21.81 5.14
CA LEU A 266 4.57 -22.42 3.88
C LEU A 266 3.28 -21.75 3.41
N LEU A 267 3.23 -21.33 2.15
CA LEU A 267 2.00 -20.82 1.52
C LEU A 267 1.63 -21.86 0.47
N ARG A 268 0.38 -22.33 0.48
CA ARG A 268 -0.12 -23.30 -0.50
C ARG A 268 -1.55 -22.97 -0.89
N LEU A 269 -2.01 -23.46 -2.06
CA LEU A 269 -3.38 -23.21 -2.51
C LEU A 269 -4.37 -23.93 -1.59
N SER A 270 -5.43 -23.22 -1.19
CA SER A 270 -6.45 -23.70 -0.25
C SER A 270 -7.05 -25.07 -0.59
N GLY A 271 -7.20 -25.34 -1.87
CA GLY A 271 -7.78 -26.59 -2.34
C GLY A 271 -6.85 -27.77 -2.36
N ASP A 272 -6.09 -27.92 -3.47
CA ASP A 272 -5.20 -29.05 -3.65
C ASP A 272 -3.88 -29.02 -2.84
N GLY A 273 -3.58 -27.92 -2.16
CA GLY A 273 -2.35 -27.84 -1.38
C GLY A 273 -1.09 -27.65 -2.20
N GLN A 274 -1.23 -27.15 -3.44
CA GLN A 274 -0.10 -26.85 -4.32
C GLN A 274 0.77 -25.72 -3.68
N GLU A 275 2.07 -25.97 -3.48
CA GLU A 275 2.96 -24.98 -2.87
C GLU A 275 3.20 -23.75 -3.75
N ILE A 276 3.10 -22.55 -3.17
CA ILE A 276 3.42 -21.35 -3.93
C ILE A 276 4.72 -20.72 -3.38
N ASN A 277 4.93 -20.75 -2.04
CA ASN A 277 6.11 -20.20 -1.39
C ASN A 277 6.46 -21.01 -0.15
N ARG A 278 7.72 -20.90 0.29
CA ARG A 278 8.19 -21.40 1.58
C ARG A 278 9.22 -20.37 2.09
N GLY A 279 9.39 -20.29 3.41
CA GLY A 279 10.32 -19.33 3.98
C GLY A 279 10.56 -19.51 5.45
N THR A 280 11.43 -18.69 6.00
CA THR A 280 11.73 -18.69 7.43
C THR A 280 11.78 -17.23 7.93
N THR A 281 11.42 -17.00 9.19
CA THR A 281 11.53 -15.67 9.80
C THR A 281 12.27 -15.78 11.14
N LEU A 282 12.98 -14.72 11.51
CA LEU A 282 13.71 -14.66 12.78
C LEU A 282 13.27 -13.38 13.51
N TRP A 283 12.79 -13.51 14.76
CA TRP A 283 12.28 -12.38 15.52
C TRP A 283 13.09 -12.18 16.78
N ARG A 284 13.29 -10.92 17.17
CA ARG A 284 14.06 -10.60 18.38
C ARG A 284 13.12 -9.98 19.40
N LYS A 285 13.22 -10.40 20.68
CA LYS A 285 12.43 -9.83 21.77
C LYS A 285 12.67 -8.32 21.90
N LYS A 286 11.58 -7.53 22.03
CA LYS A 286 11.68 -6.06 22.13
C LYS A 286 12.45 -5.56 23.35
N GLY B 2 6.33 19.23 2.23
CA GLY B 2 5.05 19.88 2.48
C GLY B 2 5.15 21.10 3.38
N SER B 3 4.15 21.98 3.31
CA SER B 3 4.16 23.17 4.14
C SER B 3 2.81 23.84 4.21
N LEU B 4 2.56 24.56 5.30
CA LEU B 4 1.39 25.41 5.44
C LEU B 4 1.54 26.56 4.40
N THR B 5 0.43 27.03 3.83
CA THR B 5 0.46 28.14 2.87
C THR B 5 0.76 29.46 3.61
N GLU B 6 0.94 30.56 2.87
CA GLU B 6 1.27 31.89 3.41
C GLU B 6 0.32 32.37 4.50
N ASP B 7 -0.99 32.23 4.31
CA ASP B 7 -1.95 32.67 5.33
C ASP B 7 -2.07 31.68 6.54
N GLY B 8 -1.41 30.51 6.47
CA GLY B 8 -1.43 29.48 7.49
C GLY B 8 -2.75 28.74 7.66
N LEU B 9 -3.71 28.97 6.74
CA LEU B 9 -5.06 28.37 6.82
C LEU B 9 -5.29 27.16 5.92
N SER B 10 -4.23 26.64 5.31
CA SER B 10 -4.28 25.46 4.45
C SER B 10 -2.84 24.88 4.35
N TYR B 11 -2.72 23.68 3.80
CA TYR B 11 -1.45 22.96 3.73
C TYR B 11 -1.29 22.32 2.35
N LYS B 12 -0.07 22.37 1.79
CA LYS B 12 0.20 21.83 0.47
C LYS B 12 1.35 20.85 0.50
N GLU B 13 1.27 19.81 -0.31
CA GLU B 13 2.34 18.82 -0.40
C GLU B 13 2.39 18.23 -1.80
N LYS B 14 3.59 17.92 -2.28
CA LYS B 14 3.79 17.29 -3.59
C LYS B 14 4.19 15.83 -3.39
N PHE B 15 3.74 14.95 -4.31
CA PHE B 15 4.02 13.51 -4.27
C PHE B 15 4.38 13.01 -5.65
N VAL B 16 5.41 12.15 -5.78
CA VAL B 16 5.74 11.56 -7.08
C VAL B 16 5.11 10.17 -7.08
N VAL B 17 4.32 9.84 -8.10
CA VAL B 17 3.63 8.55 -8.16
C VAL B 17 4.62 7.36 -8.30
N ARG B 18 4.53 6.39 -7.39
CA ARG B 18 5.41 5.21 -7.34
C ARG B 18 4.91 4.05 -8.22
N SER B 19 5.83 3.16 -8.62
CA SER B 19 5.57 2.01 -9.48
C SER B 19 4.50 1.06 -8.93
N TYR B 20 4.53 0.77 -7.60
CA TYR B 20 3.52 -0.10 -7.00
C TYR B 20 2.18 0.63 -6.70
N GLU B 21 2.10 1.94 -6.98
CA GLU B 21 0.93 2.76 -6.72
C GLU B 21 -0.06 2.83 -7.91
N VAL B 22 0.33 2.29 -9.08
CA VAL B 22 -0.48 2.38 -10.29
C VAL B 22 -1.24 1.09 -10.66
N GLY B 23 -2.33 1.24 -11.40
CA GLY B 23 -3.13 0.13 -11.88
C GLY B 23 -2.78 -0.28 -13.30
N SER B 24 -3.68 -0.97 -14.00
CA SER B 24 -3.40 -1.45 -15.37
C SER B 24 -3.22 -0.33 -16.39
N ASN B 25 -3.72 0.87 -16.10
CA ASN B 25 -3.57 2.03 -16.97
C ASN B 25 -2.22 2.76 -16.75
N LYS B 26 -1.34 2.25 -15.88
CA LYS B 26 -0.08 2.90 -15.51
C LYS B 26 -0.32 4.27 -14.82
N THR B 27 -1.52 4.47 -14.24
CA THR B 27 -1.84 5.68 -13.50
C THR B 27 -2.26 5.27 -12.08
N ALA B 28 -2.14 6.19 -11.12
CA ALA B 28 -2.46 5.92 -9.72
C ALA B 28 -3.88 5.39 -9.53
N THR B 29 -4.08 4.41 -8.62
CA THR B 29 -5.43 3.90 -8.34
C THR B 29 -6.17 4.92 -7.45
N VAL B 30 -7.50 4.75 -7.26
CA VAL B 30 -8.25 5.62 -6.34
C VAL B 30 -7.82 5.38 -4.87
N GLU B 31 -7.31 4.17 -4.56
CA GLU B 31 -6.81 3.83 -3.22
C GLU B 31 -5.47 4.53 -2.97
N THR B 32 -4.63 4.68 -4.00
CA THR B 32 -3.39 5.45 -3.87
C THR B 32 -3.76 6.91 -3.62
N ILE B 33 -4.71 7.46 -4.40
CA ILE B 33 -5.18 8.84 -4.19
C ILE B 33 -5.71 9.03 -2.75
N ALA B 34 -6.58 8.10 -2.29
CA ALA B 34 -7.15 8.16 -0.93
C ALA B 34 -6.06 8.12 0.15
N ASN B 35 -5.01 7.29 -0.06
CA ASN B 35 -3.87 7.21 0.87
C ASN B 35 -3.16 8.54 0.92
N LEU B 36 -2.98 9.20 -0.25
CA LEU B 36 -2.33 10.51 -0.33
C LEU B 36 -3.16 11.59 0.37
N LEU B 37 -4.50 11.58 0.22
CA LEU B 37 -5.36 12.56 0.91
C LEU B 37 -5.18 12.42 2.43
N GLN B 38 -5.15 11.20 2.91
CA GLN B 38 -4.99 10.87 4.32
C GLN B 38 -3.61 11.36 4.81
N GLU B 39 -2.56 11.10 4.01
CA GLU B 39 -1.18 11.52 4.30
C GLU B 39 -1.06 13.04 4.44
N VAL B 40 -1.63 13.80 3.48
CA VAL B 40 -1.54 15.26 3.55
C VAL B 40 -2.39 15.79 4.75
N GLY B 41 -3.49 15.13 5.10
CA GLY B 41 -4.28 15.52 6.27
C GLY B 41 -3.51 15.32 7.56
N CYS B 42 -2.75 14.21 7.62
CA CYS B 42 -1.89 13.91 8.73
C CYS B 42 -0.77 14.92 8.88
N ASN B 43 -0.14 15.32 7.76
CA ASN B 43 0.94 16.31 7.81
C ASN B 43 0.45 17.69 8.18
N HIS B 44 -0.80 18.03 7.81
CA HIS B 44 -1.40 19.31 8.19
C HIS B 44 -1.57 19.33 9.74
N ALA B 45 -2.11 18.25 10.34
CA ALA B 45 -2.26 18.10 11.79
C ALA B 45 -0.90 18.20 12.52
N GLN B 46 0.14 17.54 11.98
CA GLN B 46 1.47 17.60 12.58
C GLN B 46 2.05 19.01 12.57
N SER B 47 1.81 19.75 11.48
CA SER B 47 2.36 21.10 11.32
C SER B 47 1.79 22.12 12.31
N VAL B 48 0.65 21.83 12.95
CA VAL B 48 0.06 22.76 13.94
C VAL B 48 -0.18 22.15 15.34
N GLY B 49 0.44 21.00 15.62
CA GLY B 49 0.43 20.41 16.94
C GLY B 49 -0.68 19.45 17.33
N PHE B 50 -1.51 19.02 16.38
CA PHE B 50 -2.57 18.05 16.68
C PHE B 50 -2.03 16.61 16.61
N SER B 51 -2.80 15.60 17.11
CA SER B 51 -2.32 14.22 17.05
C SER B 51 -2.11 13.77 15.60
N THR B 52 -1.20 12.81 15.42
CA THR B 52 -0.85 12.31 14.08
C THR B 52 -1.21 10.85 13.89
N ASP B 53 -2.29 10.40 14.55
CA ASP B 53 -2.79 9.03 14.47
C ASP B 53 -4.01 8.87 13.55
N GLY B 54 -4.42 9.94 12.87
CA GLY B 54 -5.59 9.96 12.03
C GLY B 54 -6.80 10.59 12.69
N PHE B 55 -6.77 10.76 14.03
CA PHE B 55 -7.89 11.35 14.76
C PHE B 55 -7.74 12.87 15.01
N ALA B 56 -6.55 13.46 14.73
CA ALA B 56 -6.25 14.90 14.89
C ALA B 56 -6.86 15.53 16.15
N THR B 57 -6.60 14.90 17.30
CA THR B 57 -7.10 15.30 18.61
C THR B 57 -6.20 16.35 19.29
N THR B 58 -6.72 16.92 20.33
CA THR B 58 -6.12 17.89 21.21
C THR B 58 -5.85 17.19 22.59
N THR B 59 -4.99 17.75 23.47
CA THR B 59 -4.73 17.18 24.80
C THR B 59 -6.05 17.02 25.60
N THR B 60 -6.93 18.02 25.50
CA THR B 60 -8.24 18.01 26.18
C THR B 60 -9.10 16.84 25.70
N MET B 61 -9.14 16.58 24.37
CA MET B 61 -9.91 15.45 23.82
C MET B 61 -9.31 14.14 24.26
N ARG B 62 -7.98 14.04 24.29
CA ARG B 62 -7.26 12.83 24.67
C ARG B 62 -7.56 12.40 26.12
N LYS B 63 -7.65 13.37 27.05
CA LYS B 63 -7.99 13.01 28.44
C LYS B 63 -9.48 12.64 28.61
N LEU B 64 -10.35 13.08 27.68
CA LEU B 64 -11.78 12.72 27.71
C LEU B 64 -12.09 11.50 26.80
N HIS B 65 -11.07 10.90 26.17
CA HIS B 65 -11.18 9.76 25.25
C HIS B 65 -12.07 10.09 24.06
N LEU B 66 -11.96 11.33 23.54
CA LEU B 66 -12.72 11.79 22.38
C LEU B 66 -11.86 11.78 21.11
N ILE B 67 -12.47 11.45 19.95
CA ILE B 67 -11.81 11.38 18.64
C ILE B 67 -12.67 11.97 17.51
N TRP B 68 -12.04 12.34 16.39
CA TRP B 68 -12.79 12.75 15.20
C TRP B 68 -12.86 11.53 14.29
N VAL B 69 -14.05 11.17 13.81
CA VAL B 69 -14.23 10.01 12.95
C VAL B 69 -14.90 10.41 11.61
N THR B 70 -14.46 9.79 10.49
CA THR B 70 -15.05 10.06 9.19
C THR B 70 -16.44 9.45 9.09
N ALA B 71 -17.43 10.28 8.74
CA ALA B 71 -18.82 9.88 8.50
C ALA B 71 -19.05 9.67 6.98
N ARG B 72 -18.37 10.47 6.14
CA ARG B 72 -18.52 10.39 4.69
C ARG B 72 -17.26 10.88 3.99
N MET B 73 -16.89 10.23 2.87
CA MET B 73 -15.77 10.60 2.01
C MET B 73 -16.35 10.69 0.57
N HIS B 74 -16.06 11.78 -0.14
CA HIS B 74 -16.54 11.96 -1.51
C HIS B 74 -15.34 12.40 -2.34
N ILE B 75 -15.00 11.62 -3.36
CA ILE B 75 -13.84 11.95 -4.20
C ILE B 75 -14.27 12.01 -5.67
N GLU B 76 -13.80 13.03 -6.42
N GLU B 76 -13.80 13.03 -6.42
N GLU B 76 -13.80 13.03 -6.42
CA GLU B 76 -14.06 13.15 -7.85
CA GLU B 76 -14.06 13.17 -7.84
CA GLU B 76 -14.06 13.15 -7.85
C GLU B 76 -12.72 13.34 -8.56
C GLU B 76 -12.72 13.34 -8.55
C GLU B 76 -12.72 13.34 -8.56
N ILE B 77 -12.38 12.43 -9.46
CA ILE B 77 -11.10 12.51 -10.20
C ILE B 77 -11.37 12.74 -11.68
N TYR B 78 -10.71 13.77 -12.25
CA TYR B 78 -10.80 14.10 -13.66
C TYR B 78 -9.68 13.42 -14.45
N LYS B 79 -8.47 13.39 -13.87
CA LYS B 79 -7.32 12.76 -14.50
C LYS B 79 -6.50 12.11 -13.42
N TYR B 80 -6.27 10.82 -13.54
CA TYR B 80 -5.44 10.09 -12.59
C TYR B 80 -3.98 10.34 -12.94
N PRO B 81 -3.12 10.71 -12.00
CA PRO B 81 -1.72 10.98 -12.36
C PRO B 81 -1.00 9.71 -12.79
N ALA B 82 -0.14 9.82 -13.80
CA ALA B 82 0.63 8.69 -14.29
C ALA B 82 1.86 8.40 -13.41
N TRP B 83 2.42 7.18 -13.51
CA TRP B 83 3.64 6.79 -12.80
C TRP B 83 4.78 7.79 -13.11
N GLY B 84 5.40 8.33 -12.08
CA GLY B 84 6.46 9.31 -12.24
C GLY B 84 5.98 10.76 -12.26
N ASP B 85 4.67 10.99 -12.39
CA ASP B 85 4.14 12.36 -12.39
C ASP B 85 4.17 12.93 -10.96
N VAL B 86 4.20 14.25 -10.84
CA VAL B 86 4.17 14.91 -9.54
C VAL B 86 2.78 15.50 -9.36
N VAL B 87 2.09 15.11 -8.29
CA VAL B 87 0.77 15.64 -8.00
C VAL B 87 0.86 16.55 -6.78
N GLU B 88 0.27 17.75 -6.86
CA GLU B 88 0.27 18.66 -5.72
C GLU B 88 -1.12 18.64 -5.07
N ILE B 89 -1.18 18.49 -3.76
CA ILE B 89 -2.44 18.41 -3.03
C ILE B 89 -2.56 19.49 -1.97
N GLU B 90 -3.64 20.27 -2.05
CA GLU B 90 -3.89 21.32 -1.05
C GLU B 90 -5.09 20.89 -0.20
N THR B 91 -4.96 21.02 1.13
CA THR B 91 -6.02 20.62 2.06
C THR B 91 -6.29 21.69 3.12
N TRP B 92 -7.55 21.77 3.53
CA TRP B 92 -7.97 22.69 4.56
C TRP B 92 -9.15 22.10 5.30
N CYS B 93 -9.47 22.65 6.48
CA CYS B 93 -10.63 22.16 7.22
C CYS B 93 -11.50 23.30 7.68
N GLN B 94 -12.78 23.00 7.89
CA GLN B 94 -13.74 24.00 8.29
C GLN B 94 -14.78 23.41 9.23
N SER B 95 -15.28 24.22 10.15
CA SER B 95 -16.32 23.78 11.07
C SER B 95 -17.68 23.96 10.38
N GLU B 96 -18.60 23.00 10.59
CA GLU B 96 -19.97 23.08 10.12
C GLU B 96 -20.95 23.07 11.30
N GLY B 97 -20.55 23.70 12.40
CA GLY B 97 -21.32 23.80 13.63
C GLY B 97 -21.90 22.49 14.11
N ARG B 98 -23.23 22.45 14.18
CA ARG B 98 -24.05 21.34 14.63
C ARG B 98 -23.89 20.05 13.82
N ILE B 99 -23.63 20.15 12.51
CA ILE B 99 -23.52 19.00 11.63
C ILE B 99 -22.22 18.19 11.84
N GLY B 100 -21.18 18.86 12.29
CA GLY B 100 -19.87 18.27 12.50
C GLY B 100 -18.83 19.14 11.81
N THR B 101 -17.76 18.52 11.30
CA THR B 101 -16.68 19.28 10.66
C THR B 101 -16.39 18.74 9.23
N ARG B 102 -15.54 19.45 8.46
CA ARG B 102 -15.27 19.07 7.10
C ARG B 102 -13.78 19.25 6.75
N ARG B 103 -13.22 18.32 5.96
CA ARG B 103 -11.87 18.49 5.44
C ARG B 103 -12.01 18.42 3.92
N ASP B 104 -11.40 19.36 3.20
CA ASP B 104 -11.48 19.38 1.74
C ASP B 104 -10.09 19.25 1.13
N TRP B 105 -10.02 18.80 -0.13
CA TRP B 105 -8.75 18.67 -0.84
C TRP B 105 -8.92 19.03 -2.32
N ILE B 106 -7.87 19.59 -2.92
CA ILE B 106 -7.79 19.90 -4.34
C ILE B 106 -6.51 19.25 -4.86
N LEU B 107 -6.61 18.44 -5.90
N LEU B 107 -6.61 18.44 -5.90
N LEU B 107 -6.61 18.44 -5.90
CA LEU B 107 -5.46 17.78 -6.50
CA LEU B 107 -5.45 17.79 -6.49
CA LEU B 107 -5.46 17.78 -6.50
C LEU B 107 -5.13 18.48 -7.81
C LEU B 107 -5.13 18.48 -7.81
C LEU B 107 -5.14 18.49 -7.81
N LYS B 108 -3.85 18.78 -8.04
CA LYS B 108 -3.42 19.47 -9.26
C LYS B 108 -2.22 18.76 -9.88
N ASP B 109 -2.07 18.88 -11.19
CA ASP B 109 -0.92 18.41 -11.92
C ASP B 109 0.15 19.49 -11.65
N SER B 110 1.32 19.11 -11.12
CA SER B 110 2.37 20.08 -10.79
C SER B 110 2.93 20.82 -11.99
N VAL B 111 3.00 20.14 -13.13
CA VAL B 111 3.55 20.73 -14.33
C VAL B 111 2.63 21.78 -14.94
N THR B 112 1.35 21.46 -15.12
CA THR B 112 0.41 22.35 -15.78
C THR B 112 -0.34 23.30 -14.85
N GLY B 113 -0.50 22.91 -13.59
CA GLY B 113 -1.27 23.67 -12.61
C GLY B 113 -2.77 23.43 -12.71
N GLU B 114 -3.23 22.50 -13.58
CA GLU B 114 -4.66 22.25 -13.73
C GLU B 114 -5.20 21.37 -12.62
N VAL B 115 -6.46 21.59 -12.24
CA VAL B 115 -7.13 20.80 -11.23
C VAL B 115 -7.47 19.44 -11.82
N THR B 116 -6.83 18.38 -11.31
CA THR B 116 -7.08 17.01 -11.77
C THR B 116 -8.06 16.22 -10.91
N GLY B 117 -8.40 16.73 -9.73
CA GLY B 117 -9.32 16.05 -8.81
C GLY B 117 -9.68 16.90 -7.59
N ARG B 118 -10.71 16.48 -6.88
CA ARG B 118 -11.15 17.17 -5.67
C ARG B 118 -11.84 16.20 -4.72
N ALA B 119 -11.75 16.47 -3.42
CA ALA B 119 -12.38 15.59 -2.43
C ALA B 119 -12.88 16.35 -1.22
N THR B 120 -13.88 15.79 -0.55
CA THR B 120 -14.44 16.35 0.65
C THR B 120 -14.78 15.22 1.61
N SER B 121 -14.72 15.50 2.90
CA SER B 121 -15.04 14.51 3.91
C SER B 121 -15.72 15.18 5.10
N LYS B 122 -16.74 14.52 5.67
CA LYS B 122 -17.47 15.00 6.82
C LYS B 122 -17.06 14.16 8.02
N TRP B 123 -16.86 14.83 9.15
CA TRP B 123 -16.38 14.21 10.36
C TRP B 123 -17.31 14.50 11.52
N VAL B 124 -17.36 13.59 12.49
CA VAL B 124 -18.15 13.74 13.71
C VAL B 124 -17.25 13.44 14.92
N MET B 125 -17.56 14.02 16.07
CA MET B 125 -16.79 13.75 17.28
C MET B 125 -17.47 12.59 18.05
N MET B 126 -16.67 11.65 18.57
CA MET B 126 -17.23 10.56 19.37
C MET B 126 -16.27 10.02 20.43
N ASN B 127 -16.82 9.36 21.46
CA ASN B 127 -16.01 8.76 22.50
C ASN B 127 -15.46 7.46 21.89
N GLN B 128 -14.15 7.26 21.93
CA GLN B 128 -13.48 6.09 21.32
C GLN B 128 -13.90 4.74 21.93
N ASP B 129 -14.36 4.74 23.19
CA ASP B 129 -14.71 3.51 23.88
C ASP B 129 -16.18 3.15 23.72
N THR B 130 -17.09 4.11 23.97
CA THR B 130 -18.53 3.84 23.87
C THR B 130 -19.07 3.94 22.45
N ARG B 131 -18.32 4.62 21.55
CA ARG B 131 -18.70 4.92 20.16
C ARG B 131 -19.91 5.88 20.08
N ARG B 132 -20.23 6.58 21.19
CA ARG B 132 -21.33 7.52 21.21
C ARG B 132 -20.88 8.86 20.68
N LEU B 133 -21.68 9.43 19.77
CA LEU B 133 -21.39 10.74 19.20
C LEU B 133 -21.55 11.80 20.26
N GLN B 134 -20.66 12.80 20.28
CA GLN B 134 -20.70 13.84 21.30
C GLN B 134 -20.61 15.21 20.65
N LYS B 135 -21.33 16.18 21.21
CA LYS B 135 -21.33 17.56 20.73
C LYS B 135 -19.99 18.19 21.15
N VAL B 136 -19.37 18.91 20.22
CA VAL B 136 -18.07 19.54 20.49
C VAL B 136 -18.26 20.72 21.41
N SER B 137 -17.50 20.77 22.52
CA SER B 137 -17.61 21.89 23.43
C SER B 137 -16.93 23.14 22.84
N ASP B 138 -17.37 24.34 23.30
CA ASP B 138 -16.81 25.62 22.86
C ASP B 138 -15.31 25.68 23.13
N ASP B 139 -14.85 25.16 24.28
CA ASP B 139 -13.42 25.19 24.60
C ASP B 139 -12.59 24.29 23.65
N VAL B 140 -13.13 23.16 23.20
CA VAL B 140 -12.43 22.29 22.24
C VAL B 140 -12.47 22.94 20.84
N ARG B 141 -13.65 23.37 20.39
CA ARG B 141 -13.87 24.02 19.08
C ARG B 141 -12.92 25.22 18.88
N ASP B 142 -12.78 26.08 19.89
CA ASP B 142 -11.93 27.27 19.87
C ASP B 142 -10.47 26.97 19.55
N GLU B 143 -9.96 25.81 19.96
CA GLU B 143 -8.58 25.42 19.66
C GLU B 143 -8.37 25.12 18.16
N TYR B 144 -9.42 24.71 17.45
CA TYR B 144 -9.33 24.37 16.02
C TYR B 144 -9.62 25.54 15.08
N LEU B 145 -10.57 26.44 15.43
CA LEU B 145 -10.99 27.57 14.57
C LEU B 145 -9.84 28.48 14.10
N VAL B 146 -8.80 28.66 14.93
CA VAL B 146 -7.64 29.48 14.58
C VAL B 146 -6.80 28.89 13.42
N PHE B 147 -7.08 27.63 13.01
CA PHE B 147 -6.39 26.97 11.89
C PHE B 147 -7.29 26.79 10.63
N CYS B 148 -8.55 27.26 10.71
CA CYS B 148 -9.52 27.12 9.65
C CYS B 148 -9.84 28.45 9.05
N PRO B 149 -10.10 28.51 7.73
CA PRO B 149 -10.69 29.73 7.17
C PRO B 149 -12.13 29.87 7.73
N GLN B 150 -12.56 31.11 8.01
CA GLN B 150 -13.93 31.29 8.56
C GLN B 150 -14.93 31.72 7.48
N GLU B 151 -14.44 32.25 6.35
CA GLU B 151 -15.29 32.50 5.19
C GLU B 151 -15.40 31.13 4.52
N PRO B 152 -16.59 30.73 4.05
CA PRO B 152 -16.72 29.40 3.42
C PRO B 152 -15.77 29.17 2.26
N ARG B 153 -15.04 28.06 2.29
CA ARG B 153 -14.10 27.68 1.25
C ARG B 153 -14.44 26.22 0.95
N LEU B 154 -15.13 25.98 -0.17
CA LEU B 154 -15.61 24.66 -0.50
C LEU B 154 -14.93 24.06 -1.71
N ALA B 155 -14.50 22.79 -1.61
CA ALA B 155 -14.00 22.10 -2.80
C ALA B 155 -15.18 21.80 -3.76
N PHE B 156 -16.42 21.67 -3.24
CA PHE B 156 -17.63 21.42 -4.03
C PHE B 156 -18.69 22.49 -3.73
N PRO B 157 -18.61 23.65 -4.39
CA PRO B 157 -19.55 24.74 -4.08
C PRO B 157 -20.96 24.66 -4.72
N GLU B 158 -21.13 23.92 -5.83
CA GLU B 158 -22.44 23.77 -6.50
C GLU B 158 -23.59 23.43 -5.51
N GLU B 159 -24.68 24.24 -5.49
CA GLU B 159 -25.79 24.06 -4.52
C GLU B 159 -26.47 22.68 -4.67
N ASN B 160 -26.35 21.85 -3.62
CA ASN B 160 -26.82 20.46 -3.59
C ASN B 160 -26.20 19.64 -4.73
N ASN B 161 -24.87 19.47 -4.67
CA ASN B 161 -24.06 18.73 -5.65
C ASN B 161 -23.93 17.24 -5.25
N ARG B 162 -23.17 16.44 -6.02
CA ARG B 162 -23.01 15.02 -5.73
C ARG B 162 -22.53 14.70 -4.30
N SER B 163 -21.67 15.54 -3.68
CA SER B 163 -21.14 15.27 -2.35
C SER B 163 -22.16 15.26 -1.23
N LEU B 164 -23.33 15.86 -1.44
CA LEU B 164 -24.35 15.96 -0.40
C LEU B 164 -25.58 15.05 -0.62
N LYS B 165 -25.60 14.25 -1.70
CA LYS B 165 -26.74 13.39 -1.99
C LYS B 165 -26.90 12.24 -0.99
N LYS B 166 -28.15 11.98 -0.56
CA LYS B 166 -28.50 10.88 0.35
C LYS B 166 -28.28 9.53 -0.38
N ILE B 167 -27.70 8.51 0.29
CA ILE B 167 -27.46 7.22 -0.35
C ILE B 167 -28.43 6.15 0.17
N PRO B 168 -29.20 5.49 -0.72
CA PRO B 168 -30.15 4.46 -0.27
C PRO B 168 -29.48 3.13 0.09
N LYS B 169 -30.22 2.21 0.74
CA LYS B 169 -29.68 0.92 1.13
C LYS B 169 -29.99 -0.11 0.04
N LEU B 170 -28.96 -0.81 -0.46
CA LEU B 170 -29.07 -1.82 -1.50
C LEU B 170 -30.01 -2.92 -1.02
N GLU B 171 -30.92 -3.37 -1.87
CA GLU B 171 -31.88 -4.40 -1.50
C GLU B 171 -31.47 -5.73 -2.14
N ASP B 172 -31.60 -6.82 -1.41
CA ASP B 172 -31.25 -8.14 -1.93
C ASP B 172 -32.31 -8.60 -2.95
N PRO B 173 -31.91 -9.37 -3.98
CA PRO B 173 -30.53 -9.80 -4.27
C PRO B 173 -29.67 -8.72 -4.92
N ALA B 174 -28.37 -8.70 -4.61
CA ALA B 174 -27.45 -7.76 -5.25
C ALA B 174 -27.15 -8.29 -6.65
N GLN B 175 -26.82 -7.40 -7.60
CA GLN B 175 -26.50 -7.88 -8.94
C GLN B 175 -25.15 -8.61 -8.94
N TYR B 176 -24.18 -8.06 -8.18
CA TYR B 176 -22.84 -8.63 -8.08
C TYR B 176 -22.41 -8.72 -6.60
N SER B 177 -21.47 -9.62 -6.27
CA SER B 177 -20.97 -9.73 -4.91
C SER B 177 -19.60 -10.35 -4.83
N MET B 178 -18.85 -9.97 -3.81
CA MET B 178 -17.56 -10.53 -3.48
C MET B 178 -17.66 -10.79 -1.96
N ILE B 179 -17.61 -12.06 -1.54
CA ILE B 179 -17.83 -12.47 -0.17
C ILE B 179 -16.56 -12.91 0.56
N GLY B 180 -16.61 -12.93 1.88
CA GLY B 180 -15.50 -13.42 2.68
C GLY B 180 -14.26 -12.56 2.68
N LEU B 181 -14.40 -11.24 2.48
CA LEU B 181 -13.25 -10.33 2.48
C LEU B 181 -12.80 -10.11 3.93
N LYS B 182 -11.49 -10.25 4.22
CA LYS B 182 -10.96 -10.07 5.57
C LYS B 182 -9.73 -9.16 5.53
N PRO B 183 -9.57 -8.30 6.54
CA PRO B 183 -8.37 -7.45 6.55
C PRO B 183 -7.14 -8.21 7.02
N ARG B 184 -5.99 -7.87 6.46
CA ARG B 184 -4.72 -8.43 6.93
C ARG B 184 -3.95 -7.32 7.68
N ARG B 185 -2.80 -7.61 8.31
CA ARG B 185 -2.08 -6.57 9.07
C ARG B 185 -1.75 -5.30 8.24
N ALA B 186 -1.47 -5.41 6.94
CA ALA B 186 -1.20 -4.23 6.11
C ALA B 186 -2.43 -3.31 5.99
N ASP B 187 -3.63 -3.84 6.19
CA ASP B 187 -4.87 -3.04 6.14
C ASP B 187 -5.10 -2.24 7.43
N LEU B 188 -4.30 -2.46 8.48
CA LEU B 188 -4.49 -1.77 9.75
C LEU B 188 -3.56 -0.55 9.88
N ASP B 189 -4.00 0.45 10.63
CA ASP B 189 -3.21 1.64 10.97
C ASP B 189 -2.33 1.32 12.22
N MET B 190 -1.61 2.32 12.75
CA MET B 190 -0.76 2.18 13.93
C MET B 190 -1.53 1.76 15.21
N ASN B 191 -2.84 2.05 15.30
CA ASN B 191 -3.64 1.66 16.46
C ASN B 191 -4.45 0.40 16.25
N GLN B 192 -4.12 -0.41 15.21
CA GLN B 192 -4.74 -1.69 14.86
C GLN B 192 -6.20 -1.56 14.40
N HIS B 193 -6.59 -0.39 13.90
CA HIS B 193 -7.92 -0.19 13.33
C HIS B 193 -7.82 -0.37 11.79
N VAL B 194 -8.87 -0.91 11.15
CA VAL B 194 -8.88 -1.03 9.69
C VAL B 194 -8.86 0.40 9.07
N ASN B 195 -7.88 0.65 8.21
CA ASN B 195 -7.70 1.95 7.57
C ASN B 195 -8.90 2.22 6.64
N ASN B 196 -9.39 3.47 6.61
CA ASN B 196 -10.55 3.85 5.78
C ASN B 196 -10.41 3.51 4.31
N VAL B 197 -9.17 3.54 3.81
CA VAL B 197 -8.88 3.23 2.41
C VAL B 197 -9.21 1.77 2.06
N THR B 198 -9.09 0.85 3.02
CA THR B 198 -9.40 -0.57 2.80
C THR B 198 -10.87 -0.73 2.41
N TYR B 199 -11.77 0.02 3.07
CA TYR B 199 -13.21 -0.04 2.75
C TYR B 199 -13.47 0.39 1.30
N ILE B 200 -12.68 1.35 0.78
CA ILE B 200 -12.79 1.76 -0.63
C ILE B 200 -12.44 0.56 -1.53
N GLY B 201 -11.36 -0.15 -1.19
CA GLY B 201 -10.94 -1.32 -1.94
C GLY B 201 -11.97 -2.42 -1.91
N TRP B 202 -12.59 -2.64 -0.74
CA TRP B 202 -13.62 -3.68 -0.58
C TRP B 202 -14.87 -3.34 -1.38
N VAL B 203 -15.30 -2.06 -1.42
CA VAL B 203 -16.45 -1.63 -2.22
C VAL B 203 -16.25 -1.97 -3.70
N LEU B 204 -15.07 -1.61 -4.23
CA LEU B 204 -14.70 -1.81 -5.63
C LEU B 204 -14.50 -3.29 -6.02
N GLU B 205 -14.25 -4.20 -5.06
CA GLU B 205 -14.08 -5.64 -5.35
C GLU B 205 -15.30 -6.27 -5.99
N SER B 206 -16.49 -5.74 -5.73
CA SER B 206 -17.70 -6.32 -6.33
C SER B 206 -18.10 -5.66 -7.66
N ILE B 207 -17.24 -4.80 -8.23
CA ILE B 207 -17.45 -4.21 -9.55
C ILE B 207 -16.92 -5.25 -10.53
N PRO B 208 -17.68 -5.59 -11.59
CA PRO B 208 -17.15 -6.58 -12.57
C PRO B 208 -15.86 -6.07 -13.23
N GLN B 209 -14.90 -6.98 -13.49
CA GLN B 209 -13.64 -6.60 -14.10
C GLN B 209 -13.84 -5.97 -15.48
N GLU B 210 -14.89 -6.36 -16.21
CA GLU B 210 -15.16 -5.77 -17.52
C GLU B 210 -15.41 -4.27 -17.44
N ILE B 211 -16.08 -3.82 -16.37
CA ILE B 211 -16.32 -2.40 -16.15
C ILE B 211 -14.97 -1.70 -15.88
N VAL B 212 -14.15 -2.28 -14.99
CA VAL B 212 -12.84 -1.72 -14.64
C VAL B 212 -11.95 -1.58 -15.88
N ASP B 213 -11.98 -2.59 -16.76
CA ASP B 213 -11.20 -2.67 -17.98
C ASP B 213 -11.60 -1.66 -19.07
N THR B 214 -12.88 -1.28 -19.10
CA THR B 214 -13.41 -0.41 -20.14
C THR B 214 -13.85 0.98 -19.67
N HIS B 215 -13.78 1.25 -18.37
CA HIS B 215 -14.20 2.51 -17.78
C HIS B 215 -13.16 3.07 -16.82
N GLU B 216 -13.26 4.35 -16.51
CA GLU B 216 -12.45 4.98 -15.48
C GLU B 216 -13.40 5.43 -14.36
N LEU B 217 -12.99 5.26 -13.12
CA LEU B 217 -13.79 5.70 -11.98
C LEU B 217 -13.71 7.22 -11.92
N GLN B 218 -14.86 7.90 -12.01
CA GLN B 218 -14.91 9.35 -11.97
C GLN B 218 -15.31 9.86 -10.58
N VAL B 219 -16.33 9.27 -9.95
CA VAL B 219 -16.78 9.72 -8.64
C VAL B 219 -17.01 8.54 -7.69
N ILE B 220 -16.65 8.70 -6.42
CA ILE B 220 -16.97 7.71 -5.40
C ILE B 220 -17.46 8.47 -4.16
N THR B 221 -18.59 8.05 -3.59
CA THR B 221 -19.12 8.62 -2.34
C THR B 221 -19.30 7.43 -1.41
N LEU B 222 -18.80 7.52 -0.18
CA LEU B 222 -18.87 6.41 0.75
C LEU B 222 -19.28 6.92 2.12
N ASP B 223 -20.32 6.33 2.69
CA ASP B 223 -20.78 6.61 4.04
C ASP B 223 -20.22 5.55 4.97
N TYR B 224 -19.72 5.94 6.11
CA TYR B 224 -19.15 5.03 7.09
C TYR B 224 -20.14 4.95 8.26
N ARG B 225 -20.71 3.76 8.45
CA ARG B 225 -21.72 3.57 9.51
C ARG B 225 -21.13 2.89 10.74
N ARG B 226 -20.24 1.93 10.52
CA ARG B 226 -19.68 1.12 11.59
C ARG B 226 -18.32 0.62 11.19
N GLU B 227 -17.46 0.44 12.16
CA GLU B 227 -16.10 -0.03 11.99
C GLU B 227 -16.06 -1.55 11.79
N CYS B 228 -15.22 -2.01 10.85
CA CYS B 228 -15.00 -3.44 10.68
C CYS B 228 -13.80 -3.73 11.62
N GLN B 229 -13.95 -4.68 12.55
CA GLN B 229 -12.86 -5.03 13.45
C GLN B 229 -11.85 -5.95 12.76
N GLN B 230 -10.66 -6.08 13.35
CA GLN B 230 -9.55 -6.90 12.88
C GLN B 230 -9.94 -8.35 12.51
N ASP B 231 -10.84 -8.95 13.29
CA ASP B 231 -11.29 -10.33 13.09
C ASP B 231 -12.67 -10.45 12.39
N ASP B 232 -13.17 -9.36 11.80
CA ASP B 232 -14.46 -9.42 11.11
C ASP B 232 -14.28 -9.89 9.66
N VAL B 233 -15.35 -10.43 9.07
CA VAL B 233 -15.38 -10.86 7.66
C VAL B 233 -16.49 -10.06 6.98
N VAL B 234 -16.21 -9.52 5.80
CA VAL B 234 -17.13 -8.64 5.08
C VAL B 234 -17.60 -9.16 3.72
N ASP B 235 -18.86 -8.85 3.37
CA ASP B 235 -19.44 -9.10 2.06
C ASP B 235 -19.61 -7.75 1.38
N SER B 236 -19.20 -7.65 0.11
CA SER B 236 -19.27 -6.44 -0.70
C SER B 236 -20.32 -6.66 -1.79
N LEU B 237 -21.37 -5.84 -1.81
CA LEU B 237 -22.51 -5.95 -2.72
C LEU B 237 -22.60 -4.73 -3.65
N THR B 238 -22.93 -4.95 -4.94
CA THR B 238 -23.05 -3.90 -5.95
C THR B 238 -24.23 -4.19 -6.90
N THR B 239 -25.02 -3.15 -7.23
CA THR B 239 -26.10 -3.24 -8.21
C THR B 239 -26.01 -2.02 -9.10
N THR B 240 -26.07 -2.21 -10.43
CA THR B 240 -26.05 -1.10 -11.38
C THR B 240 -27.33 -0.27 -11.22
N THR B 241 -27.22 1.04 -11.14
CA THR B 241 -28.39 1.91 -11.04
C THR B 241 -28.65 2.72 -12.31
N SER B 242 -27.68 2.76 -13.25
CA SER B 242 -27.88 3.52 -14.49
C SER B 242 -28.74 2.71 -15.50
N ASP B 260 -22.25 6.54 -19.43
CA ASP B 260 -21.79 6.45 -18.05
C ASP B 260 -22.43 5.24 -17.33
N SER B 261 -21.72 4.71 -16.33
CA SER B 261 -22.24 3.61 -15.52
C SER B 261 -22.25 4.06 -14.06
N GLN B 262 -23.34 3.79 -13.35
CA GLN B 262 -23.48 4.14 -11.94
C GLN B 262 -23.85 2.87 -11.17
N PHE B 263 -23.34 2.74 -9.94
CA PHE B 263 -23.59 1.57 -9.10
C PHE B 263 -23.95 2.00 -7.68
N LEU B 264 -24.75 1.19 -7.02
CA LEU B 264 -25.11 1.34 -5.61
C LEU B 264 -24.33 0.25 -4.89
N HIS B 265 -23.69 0.57 -3.75
CA HIS B 265 -22.83 -0.34 -3.03
C HIS B 265 -23.22 -0.52 -1.58
N LEU B 266 -22.91 -1.68 -1.03
CA LEU B 266 -23.18 -1.97 0.37
C LEU B 266 -22.12 -2.93 0.89
N LEU B 267 -21.51 -2.61 2.04
CA LEU B 267 -20.58 -3.52 2.73
C LEU B 267 -21.30 -3.92 4.02
N ARG B 268 -21.39 -5.22 4.29
CA ARG B 268 -22.02 -5.73 5.51
C ARG B 268 -21.23 -6.92 6.05
N LEU B 269 -21.38 -7.24 7.34
CA LEU B 269 -20.70 -8.39 7.94
C LEU B 269 -21.23 -9.69 7.37
N SER B 270 -20.33 -10.60 7.00
CA SER B 270 -20.63 -11.87 6.36
C SER B 270 -21.69 -12.73 7.06
N GLY B 271 -21.72 -12.66 8.37
CA GLY B 271 -22.66 -13.44 9.16
C GLY B 271 -24.04 -12.83 9.28
N ASP B 272 -24.22 -11.92 10.27
CA ASP B 272 -25.52 -11.32 10.54
C ASP B 272 -25.99 -10.25 9.54
N GLY B 273 -25.14 -9.82 8.61
CA GLY B 273 -25.53 -8.81 7.64
C GLY B 273 -25.59 -7.40 8.21
N GLN B 274 -24.88 -7.15 9.32
CA GLN B 274 -24.78 -5.82 9.93
C GLN B 274 -24.07 -4.85 8.94
N GLU B 275 -24.69 -3.71 8.61
CA GLU B 275 -24.10 -2.75 7.68
C GLU B 275 -22.87 -2.04 8.24
N ILE B 276 -21.80 -1.95 7.44
CA ILE B 276 -20.63 -1.20 7.89
C ILE B 276 -20.49 0.07 7.02
N ASN B 277 -20.79 -0.01 5.71
CA ASN B 277 -20.70 1.12 4.77
C ASN B 277 -21.77 0.99 3.69
N ARG B 278 -22.10 2.11 3.05
CA ARG B 278 -22.90 2.19 1.83
C ARG B 278 -22.28 3.30 0.95
N GLY B 279 -22.46 3.20 -0.36
CA GLY B 279 -21.92 4.22 -1.25
C GLY B 279 -22.38 4.09 -2.67
N THR B 280 -21.93 5.02 -3.52
CA THR B 280 -22.26 5.00 -4.94
C THR B 280 -20.96 5.31 -5.73
N THR B 281 -20.83 4.76 -6.92
CA THR B 281 -19.71 5.08 -7.82
C THR B 281 -20.23 5.49 -9.20
N LEU B 282 -19.48 6.34 -9.91
CA LEU B 282 -19.82 6.78 -11.24
C LEU B 282 -18.60 6.54 -12.14
N TRP B 283 -18.77 5.80 -13.23
CA TRP B 283 -17.68 5.45 -14.12
C TRP B 283 -17.92 6.03 -15.52
N ARG B 284 -16.84 6.47 -16.17
CA ARG B 284 -16.90 7.04 -17.52
C ARG B 284 -16.25 6.07 -18.50
N LYS B 285 -16.87 5.82 -19.67
CA LYS B 285 -16.28 4.96 -20.72
C LYS B 285 -14.93 5.54 -21.18
N LYS B 286 -13.90 4.69 -21.31
CA LYS B 286 -12.55 5.13 -21.72
C LYS B 286 -12.49 5.73 -23.14
C10 WNY C . 20.27 -8.96 -14.17
C13 WNY C . 22.55 -9.53 -15.65
C15 WNY C . 21.31 -9.81 -16.17
C01 WNY C . 14.57 -6.88 -12.05
C02 WNY C . 15.90 -7.12 -11.40
C05 WNY C . 17.95 -8.49 -11.27
C06 WNY C . 19.24 -8.23 -12.03
C08 WNY C . 17.82 -9.23 -13.86
C09 WNY C . 16.70 -8.31 -13.41
C11 WNY C . 21.54 -8.71 -13.65
C12 WNY C . 22.68 -8.99 -14.39
C16 WNY C . 20.18 -9.53 -15.43
N04 WNY C . 16.79 -7.95 -11.99
N07 WNY C . 19.13 -8.75 -13.39
O03 WNY C . 16.18 -6.57 -10.34
CL1 WNY C . 23.98 -9.88 -16.59
S SO4 D . 6.45 -5.95 10.62
O1 SO4 D . 6.41 -7.39 10.94
O2 SO4 D . 7.83 -5.48 10.53
O3 SO4 D . 5.75 -5.68 9.35
O4 SO4 D . 5.78 -5.20 11.72
S SO4 E . 19.94 -0.42 -22.61
O1 SO4 E . 20.89 -1.39 -23.19
O2 SO4 E . 20.09 -0.37 -21.16
O3 SO4 E . 20.18 0.98 -23.04
O4 SO4 E . 18.49 -0.72 -22.57
C10 WNY F . -12.15 19.91 12.70
C13 WNY F . -13.11 22.24 13.86
C15 WNY F . -12.97 21.10 14.63
C01 WNY F . -9.08 14.58 11.15
C02 WNY F . -9.58 15.71 10.30
C05 WNY F . -10.57 17.95 10.12
C06 WNY F . -11.88 18.52 10.65
C08 WNY F . -11.35 17.57 12.89
C09 WNY F . -10.05 17.04 12.35
C11 WNY F . -12.32 21.06 11.95
C12 WNY F . -12.79 22.23 12.53
C16 WNY F . -12.51 19.95 14.05
N04 WNY F . -10.12 16.80 10.90
N07 WNY F . -11.79 18.71 12.10
O03 WNY F . -9.37 15.72 9.10
CL1 WNY F . -13.68 23.70 14.60
S SO4 G . -9.20 2.48 -9.88
O1 SO4 G . -8.51 1.73 -10.95
O2 SO4 G . -8.49 2.29 -8.61
O3 SO4 G . -9.19 3.90 -10.26
O4 SO4 G . -10.61 2.02 -9.81
S SO4 H . -2.70 23.57 19.02
O1 SO4 H . -2.63 22.10 19.11
O2 SO4 H . -1.36 24.15 19.22
O3 SO4 H . -2.97 23.80 17.59
O4 SO4 H . -3.77 24.27 19.77
#